data_3KP5
#
_entry.id   3KP5
#
_cell.length_a   107.828
_cell.length_b   107.828
_cell.length_c   49.422
_cell.angle_alpha   90.00
_cell.angle_beta   90.00
_cell.angle_gamma   120.00
#
_symmetry.space_group_name_H-M   'P 61'
#
loop_
_entity.id
_entity.type
_entity.pdbx_description
1 polymer 'Transcriptional regulator TcaR'
2 non-polymer 'KANAMYCIN A'
3 water water
#
_entity_poly.entity_id   1
_entity_poly.type   'polypeptide(L)'
_entity_poly.pdbx_seq_one_letter_code
;MVRRIEDHISFLEKFINDVNTLTAKLLKDLQTEYGISAEQSHVLNMLSIEALTVGQITEKQGVNKAAVSRRVKKLLNAEL
VKLEKPDSNTDQRLKIIKLSNKGKKYIKERKAIMSHIASDMTSDFDSKEIEKVRQVLEIIDYRIQSYTSKL
;
_entity_poly.pdbx_strand_id   A,B
#
loop_
_chem_comp.id
_chem_comp.type
_chem_comp.name
_chem_comp.formula
KAN non-polymer 'KANAMYCIN A' 'C18 H36 N4 O11'
#
# COMPACT_ATOMS: atom_id res chain seq x y z
N ARG A 4 19.23 -7.34 10.61
CA ARG A 4 18.22 -8.13 11.38
C ARG A 4 16.83 -7.54 11.12
N ILE A 5 16.66 -6.26 11.50
CA ILE A 5 15.40 -5.58 11.31
C ILE A 5 15.35 -4.93 9.93
N GLU A 6 16.52 -4.51 9.44
CA GLU A 6 16.56 -3.88 8.12
C GLU A 6 15.92 -4.87 7.15
N ASP A 7 16.10 -6.16 7.43
CA ASP A 7 15.56 -7.20 6.60
C ASP A 7 14.05 -7.31 6.74
N HIS A 8 13.56 -7.38 7.97
CA HIS A 8 12.14 -7.46 8.24
C HIS A 8 11.40 -6.29 7.62
N ILE A 9 12.09 -5.15 7.50
CA ILE A 9 11.51 -3.95 6.91
C ILE A 9 11.35 -4.09 5.40
N SER A 10 12.33 -4.73 4.78
CA SER A 10 12.31 -4.93 3.34
C SER A 10 11.21 -5.89 2.96
N PHE A 11 11.12 -6.99 3.70
CA PHE A 11 10.11 -8.00 3.48
C PHE A 11 8.70 -7.44 3.70
N LEU A 12 8.47 -6.83 4.85
CA LEU A 12 7.16 -6.28 5.14
C LEU A 12 6.78 -5.39 3.98
N GLU A 13 7.76 -4.63 3.50
CA GLU A 13 7.57 -3.72 2.37
C GLU A 13 7.34 -4.48 1.09
N LYS A 14 8.03 -5.58 0.89
CA LYS A 14 7.79 -6.36 -0.32
C LYS A 14 6.42 -7.03 -0.16
N PHE A 15 6.16 -7.54 1.04
CA PHE A 15 4.88 -8.20 1.31
C PHE A 15 3.74 -7.25 1.00
N ILE A 16 3.90 -6.00 1.40
CA ILE A 16 2.87 -5.01 1.14
C ILE A 16 2.84 -4.64 -0.33
N ASN A 17 3.99 -4.58 -0.97
CA ASN A 17 4.01 -4.21 -2.37
C ASN A 17 3.23 -5.27 -3.14
N ASP A 18 3.46 -6.53 -2.80
CA ASP A 18 2.78 -7.63 -3.46
C ASP A 18 1.28 -7.68 -3.17
N VAL A 19 0.88 -7.32 -1.96
CA VAL A 19 -0.53 -7.30 -1.64
C VAL A 19 -1.20 -6.20 -2.46
N ASN A 20 -0.53 -5.08 -2.58
CA ASN A 20 -1.06 -3.99 -3.34
C ASN A 20 -1.12 -4.38 -4.80
N THR A 21 -0.07 -5.03 -5.28
CA THR A 21 -0.08 -5.44 -6.68
C THR A 21 -1.30 -6.31 -6.91
N LEU A 22 -1.43 -7.37 -6.12
CA LEU A 22 -2.52 -8.35 -6.23
C LEU A 22 -3.94 -7.78 -6.17
N THR A 23 -4.17 -6.82 -5.31
CA THR A 23 -5.52 -6.30 -5.24
C THR A 23 -5.78 -5.46 -6.46
N ALA A 24 -4.69 -4.93 -7.01
CA ALA A 24 -4.70 -4.10 -8.20
C ALA A 24 -5.15 -4.88 -9.43
N LYS A 25 -4.70 -6.13 -9.53
CA LYS A 25 -5.09 -6.95 -10.67
C LYS A 25 -6.49 -7.52 -10.51
N LEU A 26 -6.76 -8.07 -9.33
CA LEU A 26 -8.04 -8.68 -9.00
C LEU A 26 -9.21 -7.72 -8.97
N LEU A 27 -8.93 -6.44 -9.09
CA LEU A 27 -10.01 -5.48 -9.07
C LEU A 27 -10.12 -4.59 -10.30
N LYS A 28 -9.19 -4.70 -11.24
CA LYS A 28 -9.25 -3.88 -12.45
C LYS A 28 -10.59 -4.05 -13.17
N ASP A 29 -10.92 -5.28 -13.55
CA ASP A 29 -12.17 -5.56 -14.24
C ASP A 29 -13.37 -4.91 -13.55
N LEU A 30 -13.37 -5.00 -12.23
CA LEU A 30 -14.47 -4.48 -11.43
C LEU A 30 -14.54 -2.96 -11.38
N GLN A 31 -13.40 -2.31 -11.24
CA GLN A 31 -13.41 -0.85 -11.18
C GLN A 31 -13.74 -0.33 -12.56
N THR A 32 -13.24 -1.05 -13.56
CA THR A 32 -13.51 -0.72 -14.95
C THR A 32 -15.03 -0.82 -15.06
N GLU A 33 -15.60 -1.92 -14.56
CA GLU A 33 -17.04 -2.14 -14.61
C GLU A 33 -17.85 -0.97 -14.01
N TYR A 34 -17.59 -0.64 -12.75
CA TYR A 34 -18.29 0.46 -12.11
C TYR A 34 -17.74 1.78 -12.59
N GLY A 35 -16.91 1.71 -13.63
CA GLY A 35 -16.32 2.90 -14.22
C GLY A 35 -15.54 3.82 -13.30
N ILE A 36 -14.79 3.26 -12.36
CA ILE A 36 -14.01 4.11 -11.47
C ILE A 36 -12.54 3.82 -11.59
N SER A 37 -11.74 4.78 -11.13
CA SER A 37 -10.30 4.63 -11.13
C SER A 37 -9.96 3.89 -9.85
N ALA A 38 -8.72 3.44 -9.74
CA ALA A 38 -8.25 2.72 -8.55
C ALA A 38 -8.30 3.65 -7.32
N GLU A 39 -7.83 4.86 -7.51
CA GLU A 39 -7.82 5.84 -6.44
C GLU A 39 -9.24 6.05 -5.97
N GLN A 40 -10.17 6.03 -6.92
CA GLN A 40 -11.57 6.21 -6.57
C GLN A 40 -12.03 5.03 -5.75
N SER A 41 -11.56 3.84 -6.10
CA SER A 41 -11.93 2.65 -5.36
C SER A 41 -11.48 2.78 -3.92
N HIS A 42 -10.19 3.03 -3.73
CA HIS A 42 -9.66 3.15 -2.39
C HIS A 42 -10.50 4.09 -1.55
N VAL A 43 -10.94 5.19 -2.16
CA VAL A 43 -11.76 6.18 -1.47
C VAL A 43 -13.06 5.58 -0.98
N LEU A 44 -13.61 4.64 -1.75
CA LEU A 44 -14.85 3.99 -1.37
C LEU A 44 -14.63 2.99 -0.23
N ASN A 45 -13.42 2.46 -0.15
CA ASN A 45 -13.11 1.47 0.88
C ASN A 45 -12.92 2.00 2.30
N MET A 46 -12.51 3.24 2.46
CA MET A 46 -12.33 3.82 3.79
C MET A 46 -13.71 4.19 4.30
N LEU A 47 -14.56 4.57 3.35
CA LEU A 47 -15.94 4.97 3.63
C LEU A 47 -16.81 3.73 3.74
N SER A 48 -16.19 2.57 3.52
CA SER A 48 -16.91 1.30 3.62
C SER A 48 -16.95 1.04 5.11
N ILE A 49 -15.86 1.47 5.74
CA ILE A 49 -15.70 1.35 7.20
C ILE A 49 -16.56 2.43 7.92
N GLU A 50 -16.13 3.68 7.73
CA GLU A 50 -16.78 4.92 8.33
C GLU A 50 -16.78 6.12 7.42
N ALA A 51 -17.69 7.08 7.69
CA ALA A 51 -17.76 8.17 6.80
C ALA A 51 -17.02 9.40 7.26
N LEU A 52 -16.25 10.08 6.40
CA LEU A 52 -15.55 11.28 6.87
C LEU A 52 -15.55 12.36 5.80
N THR A 53 -15.35 13.59 6.25
CA THR A 53 -15.30 14.73 5.36
C THR A 53 -13.95 14.79 4.66
N VAL A 54 -13.75 15.83 3.86
CA VAL A 54 -12.53 16.02 3.09
C VAL A 54 -11.29 16.26 3.97
N GLY A 55 -11.43 17.19 4.90
CA GLY A 55 -10.33 17.53 5.80
C GLY A 55 -9.50 16.37 6.28
N GLN A 56 -10.16 15.33 6.80
CA GLN A 56 -9.46 14.16 7.30
C GLN A 56 -9.17 13.15 6.20
N ILE A 57 -9.94 13.22 5.11
CA ILE A 57 -9.79 12.29 4.00
C ILE A 57 -8.41 12.36 3.35
N THR A 58 -7.78 13.53 3.40
CA THR A 58 -6.45 13.69 2.81
C THR A 58 -5.36 13.42 3.84
N GLU A 59 -5.68 13.66 5.11
CA GLU A 59 -4.72 13.46 6.19
C GLU A 59 -4.31 11.99 6.32
N LYS A 60 -5.23 11.09 6.01
CA LYS A 60 -4.93 9.66 6.07
C LYS A 60 -4.11 9.32 4.83
N GLN A 61 -4.64 9.70 3.68
CA GLN A 61 -4.00 9.46 2.40
C GLN A 61 -2.55 9.91 2.37
N GLY A 62 -2.35 11.18 2.02
CA GLY A 62 -1.02 11.74 1.91
C GLY A 62 -0.91 12.50 0.60
N VAL A 63 -1.81 12.19 -0.33
CA VAL A 63 -1.83 12.87 -1.62
C VAL A 63 -2.34 14.26 -1.24
N ASN A 64 -1.51 15.27 -1.48
CA ASN A 64 -1.80 16.65 -1.08
C ASN A 64 -3.05 17.43 -1.53
N LYS A 65 -2.85 18.72 -1.76
CA LYS A 65 -3.90 19.69 -2.10
C LYS A 65 -5.02 19.46 -3.12
N ALA A 66 -6.22 19.44 -2.57
CA ALA A 66 -7.49 19.28 -3.28
C ALA A 66 -7.62 18.07 -4.19
N ALA A 67 -6.54 17.31 -4.37
CA ALA A 67 -6.57 16.13 -5.22
C ALA A 67 -7.66 15.17 -4.76
N VAL A 68 -7.86 15.10 -3.46
CA VAL A 68 -8.86 14.21 -2.86
C VAL A 68 -10.30 14.66 -3.10
N SER A 69 -10.56 15.93 -2.81
CA SER A 69 -11.90 16.47 -3.01
C SER A 69 -12.34 16.22 -4.46
N ARG A 70 -11.36 16.15 -5.36
CA ARG A 70 -11.65 15.92 -6.77
C ARG A 70 -12.12 14.47 -6.99
N ARG A 71 -11.61 13.55 -6.18
CA ARG A 71 -12.01 12.15 -6.29
C ARG A 71 -13.41 12.01 -5.71
N VAL A 72 -13.65 12.77 -4.65
CA VAL A 72 -14.94 12.76 -3.95
C VAL A 72 -16.10 13.20 -4.84
N LYS A 73 -15.93 14.33 -5.53
CA LYS A 73 -16.98 14.82 -6.41
C LYS A 73 -17.09 13.93 -7.65
N LYS A 74 -15.98 13.27 -8.00
CA LYS A 74 -15.96 12.36 -9.14
C LYS A 74 -16.88 11.19 -8.79
N LEU A 75 -16.76 10.73 -7.53
CA LEU A 75 -17.54 9.62 -6.99
C LEU A 75 -18.98 10.01 -6.68
N LEU A 76 -19.19 11.29 -6.38
CA LEU A 76 -20.53 11.81 -6.11
C LEU A 76 -21.34 11.75 -7.38
N ASN A 77 -20.66 12.03 -8.50
CA ASN A 77 -21.27 12.04 -9.80
C ASN A 77 -21.75 10.70 -10.33
N ALA A 78 -21.23 9.60 -9.81
CA ALA A 78 -21.66 8.29 -10.25
C ALA A 78 -22.72 7.76 -9.29
N GLU A 79 -23.06 8.58 -8.29
CA GLU A 79 -24.06 8.20 -7.28
C GLU A 79 -23.47 7.13 -6.37
N LEU A 80 -22.14 7.11 -6.29
CA LEU A 80 -21.44 6.15 -5.46
C LEU A 80 -21.24 6.67 -4.07
N VAL A 81 -21.23 7.99 -3.93
CA VAL A 81 -21.07 8.60 -2.62
C VAL A 81 -22.09 9.70 -2.35
N LYS A 82 -22.68 9.62 -1.16
CA LYS A 82 -23.66 10.57 -0.74
C LYS A 82 -23.03 11.52 0.26
N LEU A 83 -23.49 12.78 0.25
CA LEU A 83 -22.98 13.81 1.15
C LEU A 83 -23.38 13.60 2.62
N ILE A 96 -19.56 16.37 5.19
CA ILE A 96 -20.11 15.03 5.58
C ILE A 96 -19.50 13.90 4.74
N ILE A 97 -20.10 13.65 3.58
CA ILE A 97 -19.68 12.61 2.63
C ILE A 97 -19.46 11.19 3.19
N LYS A 98 -20.38 10.30 2.85
CA LYS A 98 -20.39 8.90 3.31
C LYS A 98 -20.29 7.86 2.18
N LEU A 99 -21.30 7.00 2.09
CA LEU A 99 -21.36 5.92 1.09
C LEU A 99 -22.82 5.68 0.65
N SER A 100 -23.03 5.32 -0.60
CA SER A 100 -24.37 5.07 -1.13
C SER A 100 -24.76 3.60 -1.09
N ASN A 101 -25.94 3.31 -1.64
CA ASN A 101 -26.45 1.94 -1.73
C ASN A 101 -25.71 1.34 -2.92
N LYS A 102 -25.39 2.20 -3.87
CA LYS A 102 -24.67 1.80 -5.08
C LYS A 102 -23.24 1.47 -4.66
N GLY A 103 -22.79 2.16 -3.62
CA GLY A 103 -21.44 1.92 -3.11
C GLY A 103 -21.34 0.62 -2.34
N LYS A 104 -22.38 0.29 -1.58
CA LYS A 104 -22.39 -0.94 -0.81
C LYS A 104 -22.15 -2.17 -1.69
N LYS A 105 -22.82 -2.19 -2.85
CA LYS A 105 -22.69 -3.29 -3.80
C LYS A 105 -21.23 -3.51 -4.21
N TYR A 106 -20.57 -2.43 -4.63
CA TYR A 106 -19.17 -2.49 -5.03
C TYR A 106 -18.34 -3.17 -3.97
N ILE A 107 -18.32 -2.58 -2.78
CA ILE A 107 -17.55 -3.14 -1.65
C ILE A 107 -17.86 -4.61 -1.47
N LYS A 108 -19.15 -4.95 -1.45
CA LYS A 108 -19.54 -6.34 -1.31
C LYS A 108 -18.83 -7.14 -2.39
N GLU A 109 -19.01 -6.72 -3.65
CA GLU A 109 -18.39 -7.42 -4.77
C GLU A 109 -16.89 -7.45 -4.54
N ARG A 110 -16.34 -6.31 -4.07
CA ARG A 110 -14.91 -6.24 -3.80
C ARG A 110 -14.53 -7.29 -2.75
N LYS A 111 -15.23 -7.29 -1.62
CA LYS A 111 -14.94 -8.24 -0.55
C LYS A 111 -15.03 -9.69 -0.97
N ALA A 112 -16.03 -10.00 -1.79
CA ALA A 112 -16.20 -11.37 -2.29
C ALA A 112 -14.94 -11.86 -2.96
N ILE A 113 -14.34 -11.00 -3.79
CA ILE A 113 -13.14 -11.35 -4.52
C ILE A 113 -11.94 -11.47 -3.60
N MET A 114 -11.75 -10.47 -2.75
CA MET A 114 -10.64 -10.46 -1.83
C MET A 114 -10.64 -11.65 -0.91
N SER A 115 -11.81 -11.99 -0.39
CA SER A 115 -11.96 -13.10 0.55
C SER A 115 -11.75 -14.48 -0.03
N HIS A 116 -12.48 -14.77 -1.11
CA HIS A 116 -12.35 -16.07 -1.75
C HIS A 116 -10.88 -16.42 -1.97
N ILE A 117 -10.12 -15.49 -2.54
CA ILE A 117 -8.70 -15.68 -2.85
C ILE A 117 -7.82 -15.79 -1.61
N ALA A 118 -8.13 -14.96 -0.61
CA ALA A 118 -7.37 -14.89 0.64
C ALA A 118 -7.59 -16.13 1.45
N SER A 119 -8.78 -16.69 1.34
CA SER A 119 -9.13 -17.92 2.02
C SER A 119 -8.38 -19.06 1.32
N ASP A 120 -8.65 -19.23 0.03
CA ASP A 120 -8.00 -20.28 -0.78
C ASP A 120 -6.47 -20.19 -0.71
N MET A 121 -5.96 -19.17 -0.04
CA MET A 121 -4.53 -18.95 0.06
C MET A 121 -4.05 -19.17 1.48
N THR A 122 -4.99 -19.28 2.40
CA THR A 122 -4.60 -19.44 3.77
C THR A 122 -5.14 -20.73 4.35
N SER A 123 -6.05 -21.35 3.60
CA SER A 123 -6.74 -22.57 4.01
C SER A 123 -5.98 -23.83 4.46
N ASP A 124 -4.67 -23.91 4.22
CA ASP A 124 -3.91 -25.09 4.65
C ASP A 124 -3.15 -24.83 5.95
N PHE A 125 -3.25 -23.59 6.42
CA PHE A 125 -2.57 -23.19 7.63
C PHE A 125 -3.36 -23.62 8.85
N ASP A 126 -2.68 -23.60 9.99
CA ASP A 126 -3.28 -23.97 11.26
C ASP A 126 -3.71 -22.69 11.92
N SER A 127 -4.99 -22.62 12.26
CA SER A 127 -5.60 -21.47 12.92
C SER A 127 -4.66 -20.78 13.92
N LYS A 128 -3.96 -21.58 14.69
CA LYS A 128 -3.03 -21.06 15.68
C LYS A 128 -2.01 -20.20 14.92
N GLU A 129 -1.44 -20.78 13.87
CA GLU A 129 -0.44 -20.08 13.06
C GLU A 129 -0.87 -18.69 12.60
N ILE A 130 -2.01 -18.59 11.91
CA ILE A 130 -2.54 -17.32 11.40
C ILE A 130 -2.75 -16.29 12.52
N GLU A 131 -3.48 -16.72 13.56
CA GLU A 131 -3.78 -15.90 14.75
C GLU A 131 -2.53 -15.25 15.33
N LYS A 132 -1.47 -16.04 15.48
CA LYS A 132 -0.22 -15.52 16.02
C LYS A 132 0.31 -14.40 15.11
N VAL A 133 0.06 -14.54 13.81
CA VAL A 133 0.49 -13.52 12.85
C VAL A 133 -0.31 -12.23 13.04
N ARG A 134 -1.61 -12.41 13.23
CA ARG A 134 -2.52 -11.30 13.44
C ARG A 134 -2.13 -10.55 14.70
N GLN A 135 -2.00 -11.30 15.78
CA GLN A 135 -1.61 -10.75 17.08
C GLN A 135 -0.32 -9.95 17.03
N VAL A 136 0.59 -10.31 16.13
CA VAL A 136 1.85 -9.60 16.00
C VAL A 136 1.67 -8.35 15.10
N LEU A 137 0.76 -8.45 14.15
CA LEU A 137 0.51 -7.34 13.26
C LEU A 137 -0.39 -6.36 13.98
N GLU A 138 -1.27 -6.88 14.82
CA GLU A 138 -2.13 -6.00 15.58
C GLU A 138 -1.24 -5.15 16.49
N ILE A 139 -0.38 -5.78 17.30
CA ILE A 139 0.46 -5.02 18.20
C ILE A 139 1.32 -3.98 17.49
N ILE A 140 1.79 -4.32 16.30
CA ILE A 140 2.62 -3.39 15.53
C ILE A 140 1.77 -2.23 15.00
N ASP A 141 0.50 -2.50 14.71
CA ASP A 141 -0.40 -1.47 14.22
C ASP A 141 -0.76 -0.56 15.39
N TYR A 142 -0.77 -1.14 16.57
CA TYR A 142 -1.10 -0.41 17.78
C TYR A 142 -0.02 0.61 18.05
N ARG A 143 1.22 0.22 17.82
CA ARG A 143 2.34 1.10 18.07
C ARG A 143 2.48 2.14 16.98
N ILE A 144 2.15 1.73 15.76
CA ILE A 144 2.22 2.63 14.62
C ILE A 144 1.31 3.82 14.84
N GLN A 145 0.01 3.56 14.93
CA GLN A 145 -0.97 4.61 15.19
C GLN A 145 -0.54 5.45 16.37
N SER A 146 -0.23 4.80 17.48
CA SER A 146 0.18 5.48 18.69
C SER A 146 1.35 6.41 18.39
N TYR A 147 2.19 6.04 17.44
CA TYR A 147 3.33 6.88 17.08
C TYR A 147 2.85 7.95 16.12
N THR A 148 1.99 7.55 15.20
CA THR A 148 1.46 8.51 14.28
C THR A 148 0.77 9.60 15.11
N SER A 149 -0.18 9.19 15.95
CA SER A 149 -0.93 10.12 16.79
C SER A 149 -0.03 11.15 17.43
N LYS A 150 1.10 10.70 17.98
CA LYS A 150 2.05 11.64 18.55
C LYS A 150 2.61 12.28 17.28
N LEU A 151 1.69 12.89 16.53
CA LEU A 151 1.89 13.54 15.24
C LEU A 151 3.31 13.50 14.72
N ILE B 5 -11.15 -14.24 9.37
CA ILE B 5 -12.13 -14.84 8.41
C ILE B 5 -12.07 -14.00 7.12
N GLU B 6 -12.52 -12.77 7.25
CA GLU B 6 -12.56 -11.74 6.22
C GLU B 6 -12.47 -10.50 7.15
N ASP B 7 -11.97 -10.80 8.35
CA ASP B 7 -11.73 -9.87 9.46
C ASP B 7 -10.23 -9.58 9.30
N HIS B 8 -9.52 -10.61 8.83
CA HIS B 8 -8.09 -10.58 8.56
C HIS B 8 -7.81 -9.69 7.34
N ILE B 9 -8.71 -9.78 6.36
CA ILE B 9 -8.61 -8.99 5.14
C ILE B 9 -8.82 -7.51 5.50
N SER B 10 -9.79 -7.25 6.37
CA SER B 10 -10.05 -5.88 6.80
C SER B 10 -8.90 -5.37 7.66
N PHE B 11 -8.35 -6.25 8.49
CA PHE B 11 -7.24 -5.87 9.35
C PHE B 11 -6.04 -5.49 8.53
N LEU B 12 -5.76 -6.31 7.53
CA LEU B 12 -4.62 -6.10 6.65
C LEU B 12 -4.80 -4.80 5.89
N GLU B 13 -5.99 -4.59 5.37
CA GLU B 13 -6.25 -3.38 4.66
C GLU B 13 -5.90 -2.21 5.58
N LYS B 14 -6.51 -2.19 6.76
CA LYS B 14 -6.26 -1.15 7.78
C LYS B 14 -4.79 -1.07 8.24
N PHE B 15 -4.13 -2.21 8.29
CA PHE B 15 -2.73 -2.27 8.68
C PHE B 15 -1.89 -1.64 7.57
N ILE B 16 -2.20 -1.93 6.31
CA ILE B 16 -1.42 -1.36 5.22
C ILE B 16 -1.67 0.14 5.11
N ASN B 17 -2.92 0.55 5.28
CA ASN B 17 -3.24 1.97 5.21
C ASN B 17 -2.45 2.71 6.29
N ASP B 18 -2.46 2.17 7.51
CA ASP B 18 -1.74 2.77 8.62
C ASP B 18 -0.23 2.87 8.38
N VAL B 19 0.36 1.86 7.76
CA VAL B 19 1.79 1.87 7.48
C VAL B 19 2.10 2.93 6.41
N ASN B 20 1.15 3.18 5.52
CA ASN B 20 1.37 4.17 4.49
C ASN B 20 1.26 5.56 5.11
N THR B 21 0.29 5.74 6.00
CA THR B 21 0.14 7.02 6.66
C THR B 21 1.40 7.35 7.48
N LEU B 22 1.98 6.36 8.12
CA LEU B 22 3.18 6.62 8.92
C LEU B 22 4.38 6.94 8.05
N THR B 23 4.55 6.16 7.00
CA THR B 23 5.65 6.30 6.05
C THR B 23 5.63 7.66 5.35
N ALA B 24 4.44 8.10 4.94
CA ALA B 24 4.30 9.39 4.29
C ALA B 24 4.89 10.47 5.17
N LYS B 25 4.36 10.56 6.40
CA LYS B 25 4.82 11.56 7.36
C LYS B 25 6.33 11.50 7.66
N LEU B 26 6.85 10.33 7.97
CA LEU B 26 8.27 10.19 8.26
C LEU B 26 9.14 10.55 7.07
N LEU B 27 8.59 10.41 5.86
CA LEU B 27 9.37 10.70 4.67
C LEU B 27 9.10 12.04 3.99
N LYS B 28 8.25 12.86 4.61
CA LYS B 28 7.89 14.16 4.05
C LYS B 28 9.06 15.05 3.73
N ASP B 29 9.99 15.19 4.67
CA ASP B 29 11.15 16.03 4.46
C ASP B 29 12.10 15.56 3.38
N LEU B 30 12.61 14.34 3.52
CA LEU B 30 13.54 13.76 2.58
C LEU B 30 13.00 13.97 1.18
N GLN B 31 11.72 13.69 1.02
CA GLN B 31 11.02 13.86 -0.26
C GLN B 31 11.09 15.32 -0.73
N THR B 32 10.75 16.25 0.15
CA THR B 32 10.80 17.66 -0.20
C THR B 32 12.23 18.04 -0.58
N GLU B 33 13.19 17.55 0.20
CA GLU B 33 14.60 17.83 -0.05
C GLU B 33 15.02 17.35 -1.43
N TYR B 34 14.36 16.31 -1.94
CA TYR B 34 14.68 15.76 -3.26
C TYR B 34 13.83 16.24 -4.42
N GLY B 35 12.85 17.12 -4.17
CA GLY B 35 12.00 17.59 -5.24
C GLY B 35 10.95 16.52 -5.55
N ILE B 36 11.18 15.36 -4.92
CA ILE B 36 10.35 14.16 -5.02
C ILE B 36 8.91 14.27 -4.51
N SER B 37 8.03 13.48 -5.13
CA SER B 37 6.63 13.42 -4.72
C SER B 37 6.47 12.05 -4.04
N ALA B 38 5.38 11.87 -3.31
CA ALA B 38 5.11 10.63 -2.62
C ALA B 38 5.20 9.46 -3.59
N GLU B 39 4.33 9.49 -4.59
CA GLU B 39 4.28 8.44 -5.59
C GLU B 39 5.62 8.17 -6.27
N GLN B 40 6.41 9.22 -6.47
CA GLN B 40 7.72 9.08 -7.11
C GLN B 40 8.64 8.36 -6.15
N SER B 41 8.45 8.68 -4.86
CA SER B 41 9.21 8.09 -3.76
C SER B 41 8.93 6.60 -3.80
N HIS B 42 7.67 6.27 -3.99
CA HIS B 42 7.28 4.89 -4.06
C HIS B 42 7.96 4.22 -5.24
N VAL B 43 7.76 4.75 -6.44
CA VAL B 43 8.40 4.15 -7.61
C VAL B 43 9.87 3.90 -7.32
N LEU B 44 10.52 4.85 -6.67
CA LEU B 44 11.94 4.72 -6.31
C LEU B 44 12.21 3.61 -5.30
N ASN B 45 11.17 3.23 -4.57
CA ASN B 45 11.29 2.17 -3.57
C ASN B 45 10.77 0.88 -4.19
N MET B 46 9.81 1.02 -5.10
CA MET B 46 9.23 -0.10 -5.81
C MET B 46 10.38 -0.61 -6.68
N LEU B 47 11.19 0.33 -7.16
CA LEU B 47 12.35 0.04 -7.99
C LEU B 47 13.54 -0.38 -7.16
N SER B 48 13.39 -0.39 -5.85
CA SER B 48 14.44 -0.78 -4.97
C SER B 48 14.56 -2.27 -5.03
N ILE B 49 13.56 -2.98 -5.55
CA ILE B 49 13.77 -4.38 -5.54
C ILE B 49 14.20 -4.93 -6.90
N GLU B 50 13.62 -4.40 -7.97
CA GLU B 50 13.98 -4.84 -9.30
C GLU B 50 13.80 -3.72 -10.33
N ALA B 51 14.68 -3.67 -11.32
CA ALA B 51 14.59 -2.66 -12.38
C ALA B 51 13.32 -2.97 -13.15
N LEU B 52 12.50 -1.97 -13.43
CA LEU B 52 11.21 -2.18 -14.13
C LEU B 52 10.94 -1.26 -15.30
N THR B 53 10.02 -1.55 -16.21
CA THR B 53 9.68 -0.63 -17.29
C THR B 53 8.29 -0.05 -16.99
N VAL B 54 7.96 1.13 -17.52
CA VAL B 54 6.68 1.82 -17.24
C VAL B 54 5.44 0.97 -17.12
N GLY B 55 5.28 0.02 -18.03
CA GLY B 55 4.13 -0.85 -17.99
C GLY B 55 4.10 -1.69 -16.71
N GLN B 56 5.23 -2.32 -16.37
CA GLN B 56 5.32 -3.15 -15.17
C GLN B 56 5.00 -2.37 -13.91
N ILE B 57 5.51 -1.15 -13.82
CA ILE B 57 5.27 -0.28 -12.68
C ILE B 57 3.80 0.12 -12.65
N THR B 58 3.18 0.17 -13.83
CA THR B 58 1.77 0.54 -13.94
C THR B 58 0.88 -0.62 -13.55
N GLU B 59 1.22 -1.80 -14.05
CA GLU B 59 0.49 -3.02 -13.74
C GLU B 59 0.55 -3.26 -12.23
N LYS B 60 1.75 -3.42 -11.72
CA LYS B 60 1.94 -3.64 -10.30
C LYS B 60 1.42 -2.49 -9.44
N GLN B 61 0.76 -1.50 -10.05
CA GLN B 61 0.29 -0.34 -9.29
C GLN B 61 -1.16 0.10 -9.49
N GLY B 62 -1.78 -0.33 -10.58
CA GLY B 62 -3.17 0.03 -10.80
C GLY B 62 -3.49 1.36 -11.47
N VAL B 63 -2.61 2.36 -11.34
CA VAL B 63 -2.83 3.67 -11.96
C VAL B 63 -2.61 3.74 -13.48
N ASN B 64 -3.30 4.68 -14.13
CA ASN B 64 -3.24 4.86 -15.59
C ASN B 64 -1.85 5.17 -16.10
N LYS B 65 -1.40 4.40 -17.08
CA LYS B 65 -0.05 4.58 -17.62
C LYS B 65 0.37 6.03 -17.75
N ALA B 66 -0.58 6.90 -18.09
CA ALA B 66 -0.30 8.33 -18.25
C ALA B 66 0.42 8.92 -17.05
N ALA B 67 -0.24 8.83 -15.89
CA ALA B 67 0.29 9.33 -14.62
C ALA B 67 1.67 8.72 -14.32
N VAL B 68 1.79 7.41 -14.49
CA VAL B 68 3.04 6.67 -14.25
C VAL B 68 4.19 7.11 -15.13
N SER B 69 3.85 7.63 -16.31
CA SER B 69 4.86 8.10 -17.25
C SER B 69 5.32 9.50 -16.90
N ARG B 70 4.41 10.35 -16.44
CA ARG B 70 4.77 11.70 -16.07
C ARG B 70 5.84 11.67 -14.98
N ARG B 71 5.63 10.85 -13.96
CA ARG B 71 6.54 10.70 -12.82
C ARG B 71 7.80 9.87 -13.12
N VAL B 72 7.84 9.22 -14.27
CA VAL B 72 8.97 8.36 -14.62
C VAL B 72 10.11 9.07 -15.35
N LYS B 73 9.77 10.02 -16.20
CA LYS B 73 10.81 10.75 -16.91
C LYS B 73 11.12 12.04 -16.13
N LYS B 74 10.62 12.09 -14.88
CA LYS B 74 10.90 13.21 -14.00
C LYS B 74 12.05 12.73 -13.14
N LEU B 75 12.11 11.40 -12.98
CA LEU B 75 13.15 10.78 -12.18
C LEU B 75 14.40 10.60 -13.02
N LEU B 76 14.23 10.53 -14.33
CA LEU B 76 15.36 10.41 -15.25
C LEU B 76 15.96 11.80 -15.33
N ASN B 77 15.08 12.78 -15.46
CA ASN B 77 15.48 14.18 -15.52
C ASN B 77 16.21 14.58 -14.24
N ALA B 78 15.86 13.90 -13.14
CA ALA B 78 16.44 14.16 -11.82
C ALA B 78 17.63 13.25 -11.51
N GLU B 79 17.98 12.40 -12.48
CA GLU B 79 19.08 11.48 -12.32
C GLU B 79 18.95 10.69 -11.03
N LEU B 80 17.72 10.28 -10.76
CA LEU B 80 17.41 9.49 -9.57
C LEU B 80 17.19 8.03 -10.00
N VAL B 81 16.93 7.86 -11.29
CA VAL B 81 16.67 6.55 -11.89
C VAL B 81 17.35 6.58 -13.26
N LYS B 82 17.56 5.42 -13.88
CA LYS B 82 18.21 5.40 -15.21
C LYS B 82 17.86 4.28 -16.19
N LEU B 83 18.01 4.57 -17.49
CA LEU B 83 17.76 3.60 -18.55
C LEU B 83 18.95 2.66 -18.63
N GLU B 84 18.67 1.37 -18.77
CA GLU B 84 19.68 0.32 -18.89
C GLU B 84 20.86 0.48 -17.93
N LYS B 95 16.79 -2.27 -22.63
CA LYS B 95 16.58 -1.06 -21.81
C LYS B 95 15.51 -1.34 -20.76
N ILE B 96 15.72 -0.78 -19.57
CA ILE B 96 14.79 -0.91 -18.45
C ILE B 96 15.05 0.28 -17.53
N ILE B 97 14.67 0.17 -16.26
CA ILE B 97 14.94 1.27 -15.31
C ILE B 97 15.54 0.85 -13.98
N LYS B 98 16.83 1.12 -13.85
CA LYS B 98 17.59 0.83 -12.64
C LYS B 98 17.61 2.11 -11.81
N LEU B 99 18.45 2.15 -10.78
CA LEU B 99 18.53 3.33 -9.93
C LEU B 99 19.92 3.96 -10.05
N SER B 100 20.04 5.24 -9.71
CA SER B 100 21.31 5.95 -9.76
C SER B 100 21.75 6.30 -8.34
N ASN B 101 23.04 6.55 -8.13
CA ASN B 101 23.55 6.86 -6.80
C ASN B 101 22.67 7.83 -6.03
N LYS B 102 22.30 8.94 -6.65
CA LYS B 102 21.45 9.90 -5.96
C LYS B 102 20.15 9.17 -5.63
N GLY B 103 19.77 8.24 -6.50
CA GLY B 103 18.58 7.45 -6.28
C GLY B 103 18.82 6.49 -5.13
N LYS B 104 20.02 5.95 -5.06
CA LYS B 104 20.40 5.04 -4.00
C LYS B 104 20.49 5.80 -2.68
N LYS B 105 21.30 6.85 -2.65
CA LYS B 105 21.46 7.64 -1.43
C LYS B 105 20.09 7.92 -0.85
N TYR B 106 19.12 8.14 -1.71
CA TYR B 106 17.77 8.37 -1.23
C TYR B 106 17.34 7.13 -0.45
N ILE B 107 17.39 5.97 -1.10
CA ILE B 107 17.00 4.71 -0.46
C ILE B 107 17.68 4.49 0.89
N LYS B 108 18.96 4.82 0.97
CA LYS B 108 19.73 4.67 2.21
C LYS B 108 19.09 5.56 3.27
N GLU B 109 18.94 6.83 2.94
CA GLU B 109 18.34 7.79 3.85
C GLU B 109 16.93 7.33 4.21
N ARG B 110 16.25 6.61 3.31
CA ARG B 110 14.90 6.13 3.59
C ARG B 110 14.92 4.95 4.56
N LYS B 111 15.80 3.97 4.31
CA LYS B 111 15.93 2.81 5.18
C LYS B 111 16.27 3.27 6.58
N ALA B 112 17.15 4.28 6.66
CA ALA B 112 17.61 4.83 7.93
C ALA B 112 16.52 5.43 8.78
N ILE B 113 15.59 6.15 8.18
CA ILE B 113 14.51 6.72 8.94
C ILE B 113 13.56 5.60 9.33
N MET B 114 13.42 4.63 8.43
CA MET B 114 12.52 3.53 8.69
C MET B 114 12.97 2.58 9.78
N SER B 115 14.20 2.11 9.70
CA SER B 115 14.69 1.19 10.71
C SER B 115 14.94 1.81 12.08
N HIS B 116 14.98 3.13 12.19
CA HIS B 116 15.20 3.71 13.50
C HIS B 116 13.91 3.68 14.31
N ILE B 117 12.77 3.78 13.64
CA ILE B 117 11.50 3.74 14.35
C ILE B 117 11.05 2.29 14.45
N ALA B 118 11.27 1.55 13.36
CA ALA B 118 10.92 0.15 13.33
C ALA B 118 11.59 -0.51 14.54
N SER B 119 12.85 -0.17 14.75
CA SER B 119 13.61 -0.72 15.87
C SER B 119 12.86 -0.41 17.16
N ASP B 120 12.68 0.89 17.42
CA ASP B 120 11.97 1.33 18.61
C ASP B 120 10.84 0.39 19.00
N MET B 121 9.70 0.50 18.33
CA MET B 121 8.53 -0.30 18.66
C MET B 121 8.64 -1.82 18.57
N THR B 122 9.85 -2.33 18.47
CA THR B 122 10.03 -3.79 18.36
C THR B 122 11.18 -4.30 19.20
N SER B 123 11.72 -3.42 20.04
CA SER B 123 12.86 -3.72 20.91
C SER B 123 12.59 -4.75 21.98
N ASP B 124 11.32 -4.95 22.31
CA ASP B 124 10.92 -5.91 23.34
C ASP B 124 10.30 -7.17 22.74
N PHE B 125 10.56 -7.40 21.46
CA PHE B 125 10.01 -8.56 20.78
C PHE B 125 10.93 -9.78 20.96
N ASP B 126 10.36 -10.97 20.77
CA ASP B 126 11.11 -12.22 20.86
C ASP B 126 11.45 -12.69 19.46
N SER B 127 12.74 -12.69 19.15
CA SER B 127 13.25 -13.09 17.85
C SER B 127 12.67 -14.40 17.29
N LYS B 128 12.42 -15.36 18.18
CA LYS B 128 11.89 -16.65 17.75
C LYS B 128 10.43 -16.54 17.34
N GLU B 129 9.65 -15.78 18.09
CA GLU B 129 8.26 -15.62 17.71
C GLU B 129 8.20 -14.87 16.39
N ILE B 130 9.04 -13.86 16.21
CA ILE B 130 9.03 -13.09 14.96
C ILE B 130 9.44 -13.98 13.79
N GLU B 131 10.41 -14.85 14.02
CA GLU B 131 10.90 -15.77 13.00
C GLU B 131 9.76 -16.62 12.41
N LYS B 132 9.02 -17.34 13.26
CA LYS B 132 7.91 -18.16 12.79
C LYS B 132 6.86 -17.33 12.04
N VAL B 133 6.58 -16.14 12.56
CA VAL B 133 5.61 -15.23 11.96
C VAL B 133 6.04 -14.96 10.53
N ARG B 134 7.30 -14.59 10.37
CA ARG B 134 7.80 -14.30 9.04
C ARG B 134 7.68 -15.50 8.09
N GLN B 135 8.01 -16.71 8.57
CA GLN B 135 7.94 -17.91 7.78
C GLN B 135 6.58 -18.01 7.12
N VAL B 136 5.55 -17.79 7.92
CA VAL B 136 4.19 -17.82 7.43
C VAL B 136 3.98 -16.74 6.35
N LEU B 137 4.37 -15.51 6.65
CA LEU B 137 4.23 -14.40 5.70
C LEU B 137 5.06 -14.65 4.43
N GLU B 138 6.31 -15.10 4.56
CA GLU B 138 7.09 -15.43 3.38
C GLU B 138 6.31 -16.46 2.51
N ILE B 139 5.70 -17.46 3.16
CA ILE B 139 4.95 -18.49 2.44
C ILE B 139 3.72 -17.89 1.79
N ILE B 140 3.12 -16.89 2.43
CA ILE B 140 1.96 -16.28 1.79
C ILE B 140 2.46 -15.32 0.70
N ASP B 141 3.61 -14.70 0.92
CA ASP B 141 4.13 -13.80 -0.09
C ASP B 141 4.36 -14.63 -1.34
N TYR B 142 5.05 -15.75 -1.18
CA TYR B 142 5.34 -16.65 -2.28
C TYR B 142 4.09 -16.96 -3.09
N ARG B 143 3.02 -17.28 -2.40
CA ARG B 143 1.77 -17.63 -3.06
C ARG B 143 1.08 -16.43 -3.72
N ILE B 144 1.24 -15.25 -3.12
CA ILE B 144 0.62 -14.04 -3.65
C ILE B 144 1.23 -13.71 -4.98
N GLN B 145 2.56 -13.78 -5.03
CA GLN B 145 3.29 -13.52 -6.26
C GLN B 145 2.88 -14.50 -7.33
N SER B 146 2.84 -15.78 -6.95
CA SER B 146 2.45 -16.85 -7.85
C SER B 146 1.09 -16.64 -8.51
N TYR B 147 0.09 -16.28 -7.73
CA TYR B 147 -1.25 -16.06 -8.27
C TYR B 147 -1.21 -14.84 -9.20
N THR B 148 -0.38 -13.88 -8.84
CA THR B 148 -0.28 -12.64 -9.61
C THR B 148 0.29 -12.82 -11.00
N SER B 149 1.02 -13.89 -11.25
CA SER B 149 1.61 -14.11 -12.56
C SER B 149 0.59 -14.33 -13.66
N LYS B 150 -0.44 -15.12 -13.38
CA LYS B 150 -1.47 -15.40 -14.37
C LYS B 150 -2.17 -14.07 -14.71
N LEU B 151 -3.28 -13.83 -14.03
CA LEU B 151 -4.03 -12.61 -14.19
C LEU B 151 -4.68 -12.29 -12.85
C1 KAN C . -5.89 -0.15 -0.62
C2 KAN C . -4.82 -1.17 -1.03
C3 KAN C . -5.07 -2.53 -0.39
C4 KAN C . -5.28 -2.38 1.11
C5 KAN C . -6.35 -1.30 1.35
C6 KAN C . -6.73 -1.04 2.81
C7 KAN C . -7.10 0.28 -5.22
C8 KAN C . -6.47 1.33 -4.31
C9 KAN C . -6.19 0.56 -3.02
C10 KAN C . -7.50 0.16 -2.33
C11 KAN C . -8.25 -0.79 -3.26
C12 KAN C . -8.45 -0.17 -4.64
C13 KAN C . -5.37 2.89 -5.69
C14 KAN C . -4.01 3.45 -6.12
C15 KAN C . -3.33 4.07 -4.89
C16 KAN C . -4.23 5.22 -4.43
C17 KAN C . -5.55 4.61 -3.97
C18 KAN C . -6.50 5.74 -3.56
N1 KAN C . -7.84 -0.09 2.83
N2 KAN C . -9.57 -1.11 -2.71
N3 KAN C . -7.31 0.83 -6.56
N4 KAN C . -1.97 4.53 -5.21
O5 KAN C . -5.90 -0.05 0.80
O6 KAN C . -4.73 -1.33 -2.45
O7 KAN C . -3.93 -3.37 -0.65
O8 KAN C . -5.74 -3.64 1.62
O9 KAN C . -7.22 -0.48 -1.08
O10 KAN C . -5.33 1.33 -2.17
O11 KAN C . -5.19 1.78 -4.81
O12 KAN C . -6.17 3.90 -5.05
O13 KAN C . -3.18 2.45 -6.70
O14 KAN C . -3.58 5.94 -3.37
O15 KAN C . -5.89 6.60 -2.59
C1 KAN D . 2.00 14.10 -17.98
C2 KAN D . 2.24 12.74 -18.65
C3 KAN D . 0.99 12.19 -19.34
C4 KAN D . -0.22 12.31 -18.40
C5 KAN D . -0.37 13.73 -17.87
C6 KAN D . -1.58 13.73 -16.92
C7 KAN D . 5.49 16.83 -17.19
C8 KAN D . 4.14 17.40 -16.76
C9 KAN D . 3.02 16.43 -17.12
C10 KAN D . 3.00 16.10 -18.62
C11 KAN D . 4.35 15.45 -18.92
C12 KAN D . 5.48 16.44 -18.67
C13 KAN D . 3.23 18.67 -15.03
C14 KAN D . 4.03 19.86 -14.49
C15 KAN D . 4.77 19.44 -13.22
C16 KAN D . 3.78 18.83 -12.22
C17 KAN D . 2.98 17.71 -12.89
C18 KAN D . 1.94 17.17 -11.91
N1 KAN D . -1.66 15.02 -16.21
N2 KAN D . 4.38 14.99 -20.32
N3 KAN D . 6.54 17.84 -16.94
N4 KAN D . 5.45 20.59 -12.61
O5 KAN D . 0.82 14.09 -17.15
O6 KAN D . 3.33 12.80 -19.57
O7 KAN D . 1.21 10.80 -19.60
O8 KAN D . -1.41 11.94 -19.11
O9 KAN D . 1.95 15.18 -18.93
O10 KAN D . 1.75 16.98 -16.72
O11 KAN D . 4.14 17.61 -15.35
O12 KAN D . 2.29 18.22 -14.05
O13 KAN D . 4.96 20.30 -15.47
O14 KAN D . 4.50 18.31 -11.11
O15 KAN D . 1.20 16.10 -12.50
#